data_3Q20
#
_entry.id   3Q20
#
_cell.length_a   45.780
_cell.length_b   67.733
_cell.length_c   94.544
_cell.angle_alpha   90.00
_cell.angle_beta   90.00
_cell.angle_gamma   90.00
#
_symmetry.space_group_name_H-M   'P 21 21 21'
#
loop_
_entity.id
_entity.type
_entity.pdbx_description
1 polymer 'RbcX protein'
2 non-polymer 'ACETATE ION'
3 non-polymer HEXANE-1,6-DIOL
4 water water
#
_entity_poly.entity_id   1
_entity_poly.type   'polypeptide(L)'
_entity_poly.pdbx_seq_one_letter_code
;MDVKHIAKQTTKTLISYLTYQAVRTVIGQLAETDPPRSLWLHQFTSQESIQDGERYLEALFREQPDLGFRILTVREHLAE
MVADYLPEMLRAGIQQANLQQRAQQLERMTQVSEANVENSNLETPE
;
_entity_poly.pdbx_strand_id   A,B
#
# COMPACT_ATOMS: atom_id res chain seq x y z
N MET A 1 17.97 -10.75 -2.99
CA MET A 1 17.27 -9.57 -3.58
C MET A 1 17.62 -8.30 -2.84
N ASP A 2 17.16 -7.15 -3.36
CA ASP A 2 17.53 -5.88 -2.79
C ASP A 2 16.53 -5.51 -1.71
N VAL A 3 16.81 -5.93 -0.50
CA VAL A 3 15.85 -5.69 0.58
C VAL A 3 15.75 -4.20 0.87
N LYS A 4 16.87 -3.46 0.78
CA LYS A 4 16.81 -2.01 1.07
C LYS A 4 15.85 -1.30 0.14
N HIS A 5 15.95 -1.58 -1.17
CA HIS A 5 15.03 -1.00 -2.17
C HIS A 5 13.56 -1.30 -1.82
N ILE A 6 13.27 -2.57 -1.55
CA ILE A 6 11.88 -3.01 -1.27
C ILE A 6 11.38 -2.38 0.03
N ALA A 7 12.21 -2.36 1.08
CA ALA A 7 11.82 -1.72 2.36
C ALA A 7 11.54 -0.19 2.19
N LYS A 8 12.40 0.48 1.44
CA LYS A 8 12.19 1.89 1.14
C LYS A 8 10.91 2.12 0.36
N GLN A 9 10.70 1.35 -0.69
CA GLN A 9 9.53 1.53 -1.51
C GLN A 9 8.25 1.21 -0.77
N THR A 10 8.33 0.21 0.11
CA THR A 10 7.22 -0.17 0.98
C THR A 10 6.91 1.00 1.93
N THR A 11 7.96 1.59 2.50
CA THR A 11 7.81 2.74 3.38
C THR A 11 7.16 3.96 2.66
N LYS A 12 7.60 4.24 1.45
CA LYS A 12 7.05 5.34 0.66
C LYS A 12 5.54 5.14 0.41
N THR A 13 5.19 3.92 0.03
CA THR A 13 3.78 3.52 -0.16
C THR A 13 2.98 3.73 1.12
N LEU A 14 3.57 3.32 2.24
CA LEU A 14 2.91 3.43 3.54
C LEU A 14 2.63 4.92 3.89
N ILE A 15 3.64 5.78 3.72
CA ILE A 15 3.55 7.20 4.04
C ILE A 15 2.49 7.82 3.11
N SER A 16 2.48 7.43 1.82
CA SER A 16 1.48 7.95 0.91
C SER A 16 0.05 7.60 1.33
N TYR A 17 -0.16 6.33 1.70
CA TYR A 17 -1.43 5.87 2.20
C TYR A 17 -1.91 6.62 3.47
N LEU A 18 -1.02 6.75 4.43
CA LEU A 18 -1.34 7.47 5.68
C LEU A 18 -1.61 8.95 5.48
N THR A 19 -0.89 9.54 4.54
CA THR A 19 -1.19 10.89 4.07
C THR A 19 -2.65 11.00 3.62
N TYR A 20 -3.07 10.08 2.75
CA TYR A 20 -4.43 10.11 2.29
C TYR A 20 -5.45 9.80 3.38
N GLN A 21 -5.10 8.93 4.33
CA GLN A 21 -5.95 8.71 5.52
C GLN A 21 -6.07 9.96 6.38
N ALA A 22 -4.94 10.68 6.50
CA ALA A 22 -4.94 12.02 7.14
C ALA A 22 -5.84 13.03 6.43
N VAL A 23 -5.79 13.07 5.10
CA VAL A 23 -6.72 13.92 4.34
C VAL A 23 -8.21 13.58 4.68
N ARG A 24 -8.56 12.31 4.75
CA ARG A 24 -9.95 11.86 5.12
C ARG A 24 -10.33 12.35 6.54
N THR A 25 -9.39 12.23 7.47
CA THR A 25 -9.59 12.66 8.85
C THR A 25 -9.88 14.14 8.96
N VAL A 26 -9.09 14.96 8.25
CA VAL A 26 -9.31 16.42 8.30
C VAL A 26 -10.63 16.83 7.63
N ILE A 27 -10.98 16.14 6.55
CA ILE A 27 -12.33 16.28 5.96
C ILE A 27 -13.44 16.07 7.00
N GLY A 28 -13.28 15.07 7.87
CA GLY A 28 -14.26 14.72 8.91
C GLY A 28 -14.30 15.79 10.00
N GLN A 29 -13.13 16.30 10.38
CA GLN A 29 -13.01 17.35 11.41
C GLN A 29 -13.67 18.63 10.96
N LEU A 30 -13.49 18.95 9.67
CA LEU A 30 -14.04 20.14 9.07
C LEU A 30 -15.58 20.00 9.08
N ALA A 31 -16.06 18.75 9.03
CA ALA A 31 -17.53 18.55 9.13
C ALA A 31 -18.15 19.09 10.46
N GLU A 32 -17.43 18.90 11.58
CA GLU A 32 -17.86 19.36 12.93
C GLU A 32 -17.72 20.88 13.16
N THR A 33 -16.68 21.49 12.58
CA THR A 33 -16.37 22.90 12.84
C THR A 33 -16.63 23.85 11.65
N ASP A 34 -16.64 23.36 10.38
CA ASP A 34 -16.70 24.23 9.15
C ASP A 34 -17.10 23.47 7.85
N PRO A 35 -18.39 23.16 7.68
CA PRO A 35 -18.79 22.29 6.54
C PRO A 35 -18.42 22.66 5.05
N PRO A 36 -18.52 23.93 4.62
CA PRO A 36 -18.06 24.26 3.23
C PRO A 36 -16.60 23.89 2.89
N ARG A 37 -15.74 23.94 3.88
CA ARG A 37 -14.35 23.57 3.60
C ARG A 37 -14.13 22.05 3.46
N SER A 38 -14.97 21.24 4.12
CA SER A 38 -15.01 19.78 3.89
C SER A 38 -15.17 19.45 2.39
N LEU A 39 -16.19 20.04 1.73
CA LEU A 39 -16.48 19.72 0.31
C LEU A 39 -15.34 20.15 -0.60
N TRP A 40 -14.79 21.31 -0.30
CA TRP A 40 -13.69 21.81 -1.10
C TRP A 40 -12.52 20.80 -1.06
N LEU A 41 -12.15 20.41 0.14
CA LEU A 41 -11.03 19.46 0.37
C LEU A 41 -11.32 18.08 -0.28
N HIS A 42 -12.57 17.61 -0.19
CA HIS A 42 -12.99 16.39 -0.88
C HIS A 42 -12.83 16.55 -2.40
N GLN A 43 -13.39 17.63 -2.97
CA GLN A 43 -13.31 17.86 -4.41
C GLN A 43 -11.91 18.02 -4.95
N PHE A 44 -11.09 18.79 -4.23
CA PHE A 44 -9.70 18.99 -4.61
C PHE A 44 -8.98 17.64 -4.75
N THR A 45 -9.20 16.77 -3.76
CA THR A 45 -8.54 15.45 -3.69
C THR A 45 -8.97 14.48 -4.81
N SER A 46 -10.17 14.66 -5.37
CA SER A 46 -10.66 13.80 -6.45
C SER A 46 -9.75 13.83 -7.69
N GLN A 47 -9.34 15.03 -8.09
CA GLN A 47 -8.41 15.20 -9.24
C GLN A 47 -6.93 15.19 -8.83
N GLU A 48 -6.68 15.25 -7.53
CA GLU A 48 -5.31 15.41 -6.98
C GLU A 48 -4.85 14.18 -6.19
N SER A 49 -5.69 13.15 -6.14
CA SER A 49 -5.40 11.94 -5.35
C SER A 49 -4.38 11.06 -6.06
N ILE A 50 -4.31 11.21 -7.40
CA ILE A 50 -3.56 10.30 -8.25
C ILE A 50 -2.10 10.74 -8.28
N GLN A 51 -1.46 10.63 -7.13
CA GLN A 51 -0.06 11.01 -6.96
C GLN A 51 0.43 10.71 -5.56
N ASP A 52 1.74 10.53 -5.47
CA ASP A 52 2.42 10.38 -4.22
C ASP A 52 1.99 11.47 -3.22
N GLY A 53 1.89 11.09 -1.95
CA GLY A 53 1.43 12.00 -0.90
C GLY A 53 2.22 13.31 -0.87
N GLU A 54 3.51 13.26 -1.14
CA GLU A 54 4.31 14.47 -1.01
C GLU A 54 3.94 15.44 -2.11
N ARG A 55 3.67 14.92 -3.32
CA ARG A 55 3.24 15.76 -4.47
C ARG A 55 1.84 16.32 -4.27
N TYR A 56 0.95 15.49 -3.69
CA TYR A 56 -0.40 15.95 -3.32
C TYR A 56 -0.32 17.11 -2.32
N LEU A 57 0.49 16.96 -1.27
CA LEU A 57 0.58 18.02 -0.26
C LEU A 57 1.16 19.32 -0.87
N GLU A 58 2.12 19.19 -1.77
CA GLU A 58 2.63 20.39 -2.42
C GLU A 58 1.56 21.12 -3.23
N ALA A 59 0.70 20.36 -3.90
CA ALA A 59 -0.47 20.91 -4.59
C ALA A 59 -1.42 21.58 -3.61
N LEU A 60 -1.72 20.92 -2.49
CA LEU A 60 -2.62 21.48 -1.47
C LEU A 60 -2.09 22.79 -0.87
N PHE A 61 -0.79 22.82 -0.56
CA PHE A 61 -0.17 24.01 0.04
C PHE A 61 -0.27 25.27 -0.83
N ARG A 62 -0.17 25.10 -2.15
CA ARG A 62 -0.39 26.20 -3.12
C ARG A 62 -1.79 26.81 -3.00
N GLU A 63 -2.78 26.01 -2.61
CA GLU A 63 -4.16 26.47 -2.59
C GLU A 63 -4.70 26.78 -1.18
N GLN A 64 -4.53 25.86 -0.22
CA GLN A 64 -5.02 26.03 1.16
C GLN A 64 -3.97 25.59 2.18
N PRO A 65 -2.98 26.45 2.49
CA PRO A 65 -1.85 25.94 3.33
C PRO A 65 -2.19 25.60 4.80
N ASP A 66 -3.20 26.24 5.40
CA ASP A 66 -3.67 25.80 6.75
C ASP A 66 -4.04 24.30 6.81
N LEU A 67 -4.67 23.82 5.73
CA LEU A 67 -5.09 22.44 5.60
C LEU A 67 -3.88 21.52 5.38
N GLY A 68 -2.92 21.95 4.56
CA GLY A 68 -1.69 21.20 4.36
C GLY A 68 -0.98 20.94 5.68
N PHE A 69 -0.92 21.99 6.52
CA PHE A 69 -0.26 21.90 7.83
C PHE A 69 -0.96 20.95 8.80
N ARG A 70 -2.31 21.01 8.84
CA ARG A 70 -3.06 20.09 9.66
C ARG A 70 -2.82 18.63 9.26
N ILE A 71 -2.72 18.40 7.95
CA ILE A 71 -2.48 17.05 7.40
C ILE A 71 -1.09 16.52 7.75
N LEU A 72 -0.07 17.37 7.73
CA LEU A 72 1.24 16.96 8.16
C LEU A 72 1.11 16.41 9.58
N THR A 73 0.46 17.19 10.45
CA THR A 73 0.30 16.81 11.87
C THR A 73 -0.52 15.49 12.09
N VAL A 74 -1.68 15.42 11.46
CA VAL A 74 -2.48 14.20 11.54
C VAL A 74 -1.72 12.94 11.03
N ARG A 75 -1.04 13.04 9.89
CA ARG A 75 -0.37 11.87 9.31
C ARG A 75 0.75 11.37 10.22
N GLU A 76 1.44 12.31 10.90
CA GLU A 76 2.46 11.93 11.88
C GLU A 76 1.84 11.22 13.09
N HIS A 77 0.72 11.71 13.57
CA HIS A 77 0.00 11.04 14.66
C HIS A 77 -0.54 9.66 14.26
N LEU A 78 -1.16 9.54 13.07
CA LEU A 78 -1.60 8.24 12.53
C LEU A 78 -0.44 7.26 12.43
N ALA A 79 0.69 7.70 11.87
CA ALA A 79 1.88 6.86 11.81
C ALA A 79 2.37 6.38 13.21
N GLU A 80 2.46 7.31 14.16
CA GLU A 80 2.81 6.97 15.57
C GLU A 80 1.85 5.93 16.18
N MET A 81 0.56 6.01 15.84
CA MET A 81 -0.44 5.10 16.42
C MET A 81 -0.46 3.70 15.82
N VAL A 82 -0.15 3.59 14.53
CA VAL A 82 -0.22 2.30 13.85
C VAL A 82 1.12 1.56 13.73
N ALA A 83 2.24 2.29 13.75
CA ALA A 83 3.55 1.79 13.32
C ALA A 83 3.86 0.47 13.98
N ASP A 84 3.69 0.39 15.29
CA ASP A 84 4.20 -0.79 15.99
C ASP A 84 3.30 -2.04 15.78
N TYR A 85 2.08 -1.83 15.32
CA TYR A 85 1.16 -2.94 15.02
C TYR A 85 1.45 -3.58 13.70
N LEU A 86 2.10 -2.81 12.82
CA LEU A 86 2.19 -3.23 11.41
C LEU A 86 2.93 -4.58 11.22
N PRO A 87 4.06 -4.83 11.92
CA PRO A 87 4.77 -6.13 11.63
C PRO A 87 3.90 -7.36 11.89
N GLU A 88 3.23 -7.40 13.04
CA GLU A 88 2.46 -8.62 13.35
C GLU A 88 1.23 -8.68 12.48
N MET A 89 0.61 -7.54 12.23
CA MET A 89 -0.59 -7.52 11.39
C MET A 89 -0.28 -7.94 9.96
N LEU A 90 0.85 -7.48 9.45
CA LEU A 90 1.28 -7.90 8.09
C LEU A 90 1.54 -9.41 8.04
N ARG A 91 2.32 -9.91 9.00
CA ARG A 91 2.63 -11.35 8.99
C ARG A 91 1.33 -12.19 9.09
N ALA A 92 0.49 -11.88 10.07
CA ALA A 92 -0.78 -12.57 10.27
C ALA A 92 -1.72 -12.39 9.09
N GLY A 93 -1.83 -11.18 8.56
CA GLY A 93 -2.64 -10.91 7.39
C GLY A 93 -2.23 -11.72 6.16
N ILE A 94 -0.93 -11.78 5.89
CA ILE A 94 -0.44 -12.55 4.72
C ILE A 94 -0.63 -14.06 4.93
N GLN A 95 -0.47 -14.54 6.16
CA GLN A 95 -0.72 -15.97 6.46
C GLN A 95 -2.20 -16.31 6.23
N GLN A 96 -3.07 -15.42 6.65
CA GLN A 96 -4.53 -15.65 6.53
C GLN A 96 -4.93 -15.57 5.05
N ALA A 97 -4.47 -14.54 4.36
CA ALA A 97 -4.79 -14.38 2.92
C ALA A 97 -4.26 -15.55 2.10
N ASN A 98 -3.03 -15.97 2.40
CA ASN A 98 -2.44 -17.17 1.70
C ASN A 98 -3.22 -18.41 1.92
N LEU A 99 -3.62 -18.66 3.17
CA LEU A 99 -4.50 -19.80 3.48
C LEU A 99 -5.80 -19.75 2.63
N GLN A 100 -6.43 -18.60 2.57
CA GLN A 100 -7.70 -18.45 1.87
C GLN A 100 -7.48 -18.69 0.36
N GLN A 101 -6.39 -18.13 -0.18
CA GLN A 101 -6.05 -18.32 -1.62
C GLN A 101 -5.83 -19.79 -1.92
N ARG A 102 -5.06 -20.47 -1.09
CA ARG A 102 -4.78 -21.89 -1.31
C ARG A 102 -6.03 -22.75 -1.19
N ALA A 103 -6.84 -22.53 -0.14
CA ALA A 103 -8.07 -23.28 0.09
C ALA A 103 -9.05 -23.09 -1.07
N GLN A 104 -9.17 -21.86 -1.55
CA GLN A 104 -10.05 -21.56 -2.67
C GLN A 104 -9.59 -22.29 -3.94
N GLN A 105 -8.29 -22.27 -4.22
CA GLN A 105 -7.77 -22.93 -5.42
C GLN A 105 -7.91 -24.45 -5.32
N LEU A 106 -7.59 -25.03 -4.16
CA LEU A 106 -7.80 -26.44 -3.93
C LEU A 106 -9.29 -26.81 -4.11
N GLU A 107 -10.21 -26.01 -3.57
CA GLU A 107 -11.66 -26.26 -3.72
C GLU A 107 -12.07 -26.17 -5.21
N ARG A 108 -11.45 -25.23 -5.93
CA ARG A 108 -11.66 -25.17 -7.36
C ARG A 108 -11.17 -26.45 -8.03
N MET A 109 -9.95 -26.87 -7.69
CA MET A 109 -9.34 -28.06 -8.32
C MET A 109 -10.20 -29.31 -8.14
N THR A 110 -10.68 -29.55 -6.93
CA THR A 110 -11.49 -30.74 -6.63
C THR A 110 -12.94 -30.61 -7.12
N GLN A 111 -13.42 -29.37 -7.27
CA GLN A 111 -14.73 -29.08 -7.89
C GLN A 111 -14.72 -29.40 -9.39
N VAL A 112 -13.57 -29.19 -10.05
CA VAL A 112 -13.40 -29.53 -11.46
C VAL A 112 -13.27 -31.04 -11.71
N SER A 113 -13.63 -31.85 -10.73
CA SER A 113 -13.69 -33.29 -10.88
C SER A 113 -15.08 -33.80 -10.49
N GLU A 114 -15.60 -33.29 -9.39
CA GLU A 114 -16.91 -33.70 -8.91
C GLU A 114 -17.67 -34.43 -10.00
N ASP B 2 -10.55 6.25 13.58
CA ASP B 2 -10.46 5.01 14.42
C ASP B 2 -9.17 4.18 14.16
N VAL B 3 -8.29 4.07 15.16
CA VAL B 3 -6.96 3.44 15.03
C VAL B 3 -7.00 1.98 14.53
N LYS B 4 -7.95 1.21 15.05
CA LYS B 4 -8.14 -0.19 14.66
C LYS B 4 -8.54 -0.32 13.21
N HIS B 5 -9.55 0.45 12.76
CA HIS B 5 -9.88 0.39 11.34
C HIS B 5 -8.64 0.84 10.55
N ILE B 6 -7.95 1.87 11.03
CA ILE B 6 -6.81 2.40 10.27
C ILE B 6 -5.64 1.39 10.15
N ALA B 7 -5.25 0.72 11.24
CA ALA B 7 -4.13 -0.20 11.17
C ALA B 7 -4.48 -1.39 10.24
N LYS B 8 -5.75 -1.86 10.29
CA LYS B 8 -6.24 -2.91 9.34
C LYS B 8 -6.21 -2.50 7.87
N GLN B 9 -6.73 -1.32 7.56
CA GLN B 9 -6.75 -0.85 6.20
C GLN B 9 -5.35 -0.58 5.68
N THR B 10 -4.48 -0.11 6.56
CA THR B 10 -3.07 0.07 6.24
C THR B 10 -2.44 -1.26 5.88
N THR B 11 -2.72 -2.27 6.69
CA THR B 11 -2.22 -3.60 6.46
C THR B 11 -2.68 -4.17 5.12
N LYS B 12 -3.96 -3.99 4.79
CA LYS B 12 -4.46 -4.44 3.47
C LYS B 12 -3.68 -3.81 2.32
N THR B 13 -3.43 -2.50 2.42
CA THR B 13 -2.67 -1.79 1.44
C THR B 13 -1.24 -2.31 1.30
N LEU B 14 -0.61 -2.59 2.43
CA LEU B 14 0.72 -3.15 2.42
C LEU B 14 0.75 -4.54 1.76
N ILE B 15 -0.23 -5.38 2.12
CA ILE B 15 -0.26 -6.75 1.57
C ILE B 15 -0.42 -6.63 0.04
N SER B 16 -1.29 -5.73 -0.42
CA SER B 16 -1.47 -5.57 -1.87
C SER B 16 -0.13 -5.18 -2.56
N TYR B 17 0.58 -4.20 -1.98
CA TYR B 17 1.82 -3.72 -2.51
C TYR B 17 2.86 -4.85 -2.58
N LEU B 18 2.95 -5.60 -1.48
CA LEU B 18 3.94 -6.71 -1.43
C LEU B 18 3.56 -7.82 -2.41
N THR B 19 2.29 -8.00 -2.66
CA THR B 19 1.82 -8.97 -3.63
C THR B 19 2.38 -8.60 -5.00
N TYR B 20 2.22 -7.34 -5.39
CA TYR B 20 2.72 -6.92 -6.69
C TYR B 20 4.26 -6.90 -6.74
N GLN B 21 4.95 -6.60 -5.62
CA GLN B 21 6.38 -6.80 -5.55
C GLN B 21 6.75 -8.30 -5.79
N ALA B 22 5.99 -9.21 -5.22
CA ALA B 22 6.27 -10.64 -5.35
C ALA B 22 6.11 -11.05 -6.79
N VAL B 23 5.09 -10.48 -7.47
CA VAL B 23 4.92 -10.69 -8.91
C VAL B 23 6.20 -10.36 -9.67
N ARG B 24 6.79 -9.19 -9.42
CA ARG B 24 8.08 -8.83 -10.06
C ARG B 24 9.20 -9.83 -9.79
N THR B 25 9.28 -10.34 -8.56
CA THR B 25 10.19 -11.40 -8.24
C THR B 25 10.02 -12.63 -9.11
N VAL B 26 8.78 -13.05 -9.29
CA VAL B 26 8.52 -14.25 -10.09
C VAL B 26 8.77 -13.99 -11.56
N ILE B 27 8.41 -12.80 -12.05
CA ILE B 27 8.77 -12.41 -13.40
C ILE B 27 10.29 -12.57 -13.62
N GLY B 28 11.06 -12.07 -12.68
CA GLY B 28 12.54 -12.19 -12.74
C GLY B 28 13.03 -13.63 -12.76
N GLN B 29 12.46 -14.47 -11.90
CA GLN B 29 12.81 -15.89 -11.83
C GLN B 29 12.49 -16.55 -13.17
N LEU B 30 11.29 -16.29 -13.71
CA LEU B 30 10.89 -16.84 -15.01
C LEU B 30 11.76 -16.35 -16.15
N ALA B 31 12.28 -15.11 -16.04
CA ALA B 31 13.17 -14.57 -17.05
C ALA B 31 14.40 -15.48 -17.22
N GLU B 32 14.76 -16.20 -16.15
CA GLU B 32 15.80 -17.24 -16.16
C GLU B 32 15.31 -18.59 -16.71
N THR B 33 14.24 -19.14 -16.16
CA THR B 33 13.77 -20.50 -16.50
C THR B 33 12.77 -20.65 -17.67
N ASP B 34 12.06 -19.58 -18.01
CA ASP B 34 10.95 -19.71 -18.98
C ASP B 34 10.65 -18.28 -19.46
N PRO B 35 11.53 -17.71 -20.30
CA PRO B 35 11.36 -16.33 -20.76
C PRO B 35 9.98 -15.99 -21.38
N PRO B 36 9.41 -16.88 -22.24
CA PRO B 36 8.09 -16.51 -22.76
C PRO B 36 7.04 -16.36 -21.63
N ARG B 37 7.11 -17.19 -20.58
CA ARG B 37 6.15 -17.04 -19.48
C ARG B 37 6.46 -15.84 -18.59
N SER B 38 7.71 -15.47 -18.51
CA SER B 38 8.08 -14.21 -17.85
C SER B 38 7.41 -13.03 -18.56
N LEU B 39 7.49 -13.01 -19.90
CA LEU B 39 6.84 -11.99 -20.68
C LEU B 39 5.32 -12.03 -20.50
N TRP B 40 4.78 -13.25 -20.57
CA TRP B 40 3.35 -13.51 -20.33
C TRP B 40 2.89 -12.89 -19.00
N LEU B 41 3.65 -13.14 -17.95
CA LEU B 41 3.27 -12.67 -16.62
C LEU B 41 3.40 -11.16 -16.50
N HIS B 42 4.44 -10.61 -17.10
CA HIS B 42 4.57 -9.17 -17.16
C HIS B 42 3.36 -8.54 -17.86
N GLN B 43 2.95 -9.10 -18.99
CA GLN B 43 1.84 -8.58 -19.75
C GLN B 43 0.49 -8.69 -18.98
N PHE B 44 0.23 -9.87 -18.39
CA PHE B 44 -0.97 -10.10 -17.57
C PHE B 44 -1.04 -9.09 -16.42
N THR B 45 0.10 -8.90 -15.76
CA THR B 45 0.14 -8.03 -14.61
C THR B 45 -0.09 -6.55 -15.03
N SER B 46 0.43 -6.18 -16.20
CA SER B 46 0.20 -4.84 -16.75
C SER B 46 -1.27 -4.50 -16.96
N GLN B 47 -2.10 -5.50 -17.20
CA GLN B 47 -3.53 -5.34 -17.39
C GLN B 47 -4.44 -5.64 -16.21
N GLU B 48 -3.90 -6.22 -15.16
CA GLU B 48 -4.70 -6.75 -14.04
C GLU B 48 -4.28 -6.16 -12.68
N SER B 49 -3.49 -5.10 -12.70
CA SER B 49 -2.95 -4.56 -11.44
C SER B 49 -3.78 -3.47 -10.76
N ILE B 50 -4.85 -3.00 -11.39
CA ILE B 50 -5.69 -1.90 -10.83
C ILE B 50 -6.85 -2.54 -10.08
N GLN B 51 -6.45 -3.24 -9.06
CA GLN B 51 -7.33 -3.99 -8.16
C GLN B 51 -6.44 -4.46 -6.99
N ASP B 52 -7.11 -4.86 -5.90
CA ASP B 52 -6.46 -5.39 -4.73
C ASP B 52 -5.70 -6.65 -5.13
N GLY B 53 -4.60 -6.90 -4.43
CA GLY B 53 -3.75 -8.05 -4.67
C GLY B 53 -4.49 -9.36 -4.62
N GLU B 54 -5.49 -9.50 -3.72
CA GLU B 54 -6.22 -10.79 -3.64
C GLU B 54 -7.04 -11.06 -4.93
N ARG B 55 -7.64 -10.01 -5.52
CA ARG B 55 -8.41 -10.17 -6.73
C ARG B 55 -7.47 -10.46 -7.92
N TYR B 56 -6.30 -9.79 -7.93
CA TYR B 56 -5.25 -10.08 -8.92
C TYR B 56 -4.88 -11.59 -8.89
N LEU B 57 -4.62 -12.11 -7.69
CA LEU B 57 -4.25 -13.51 -7.52
C LEU B 57 -5.34 -14.45 -8.00
N GLU B 58 -6.59 -14.19 -7.59
CA GLU B 58 -7.75 -14.98 -8.10
C GLU B 58 -7.77 -15.03 -9.62
N ALA B 59 -7.58 -13.89 -10.25
CA ALA B 59 -7.55 -13.85 -11.70
C ALA B 59 -6.39 -14.68 -12.27
N LEU B 60 -5.20 -14.55 -11.66
CA LEU B 60 -4.03 -15.29 -12.13
C LEU B 60 -4.20 -16.80 -11.99
N PHE B 61 -4.82 -17.21 -10.89
CA PHE B 61 -5.08 -18.61 -10.63
C PHE B 61 -5.94 -19.24 -11.69
N ARG B 62 -6.84 -18.47 -12.31
CA ARG B 62 -7.68 -18.95 -13.42
C ARG B 62 -6.86 -19.27 -14.64
N GLU B 63 -5.71 -18.61 -14.79
CA GLU B 63 -4.90 -18.72 -15.99
C GLU B 63 -3.69 -19.62 -15.82
N GLN B 64 -2.89 -19.34 -14.79
CA GLN B 64 -1.56 -19.97 -14.61
C GLN B 64 -1.39 -20.27 -13.12
N PRO B 65 -2.09 -21.31 -12.63
CA PRO B 65 -2.15 -21.51 -11.18
C PRO B 65 -0.79 -21.76 -10.52
N ASP B 66 0.15 -22.41 -11.23
CA ASP B 66 1.47 -22.61 -10.63
C ASP B 66 2.16 -21.29 -10.28
N LEU B 67 1.93 -20.25 -11.09
CA LEU B 67 2.46 -18.89 -10.81
C LEU B 67 1.73 -18.23 -9.61
N GLY B 68 0.43 -18.41 -9.51
CA GLY B 68 -0.30 -17.97 -8.32
C GLY B 68 0.25 -18.58 -7.07
N PHE B 69 0.50 -19.89 -7.07
CA PHE B 69 1.03 -20.53 -5.88
C PHE B 69 2.41 -19.97 -5.52
N ARG B 70 3.25 -19.78 -6.53
CA ARG B 70 4.60 -19.24 -6.32
C ARG B 70 4.59 -17.83 -5.71
N ILE B 71 3.69 -16.98 -6.17
CA ILE B 71 3.58 -15.61 -5.69
C ILE B 71 3.13 -15.60 -4.21
N LEU B 72 2.24 -16.50 -3.83
CA LEU B 72 1.87 -16.62 -2.40
C LEU B 72 3.11 -16.83 -1.50
N THR B 73 3.96 -17.75 -1.90
CA THR B 73 5.18 -18.06 -1.12
C THR B 73 6.15 -16.88 -1.11
N VAL B 74 6.35 -16.26 -2.27
CA VAL B 74 7.25 -15.13 -2.35
C VAL B 74 6.74 -13.95 -1.51
N ARG B 75 5.44 -13.65 -1.53
CA ARG B 75 4.99 -12.48 -0.76
C ARG B 75 5.12 -12.68 0.74
N GLU B 76 4.91 -13.89 1.20
CA GLU B 76 5.18 -14.25 2.59
C GLU B 76 6.65 -13.99 2.96
N HIS B 77 7.55 -14.44 2.08
CA HIS B 77 8.99 -14.16 2.28
C HIS B 77 9.30 -12.67 2.27
N LEU B 78 8.71 -11.92 1.35
CA LEU B 78 8.99 -10.48 1.27
C LEU B 78 8.51 -9.81 2.55
N ALA B 79 7.31 -10.20 3.00
CA ALA B 79 6.80 -9.70 4.28
C ALA B 79 7.76 -9.95 5.43
N GLU B 80 8.28 -11.16 5.53
CA GLU B 80 9.22 -11.48 6.59
C GLU B 80 10.50 -10.62 6.48
N MET B 81 10.98 -10.42 5.24
CA MET B 81 12.19 -9.62 4.98
C MET B 81 12.02 -8.13 5.29
N VAL B 82 10.79 -7.62 5.22
CA VAL B 82 10.57 -6.17 5.40
C VAL B 82 9.92 -5.77 6.73
N ALA B 83 9.02 -6.62 7.27
CA ALA B 83 8.05 -6.22 8.30
C ALA B 83 8.67 -5.52 9.50
N ASP B 84 9.73 -6.12 10.03
CA ASP B 84 10.35 -5.59 11.27
C ASP B 84 11.20 -4.31 11.07
N TYR B 85 11.44 -3.92 9.83
CA TYR B 85 12.00 -2.57 9.53
C TYR B 85 10.98 -1.47 9.59
N LEU B 86 9.71 -1.82 9.41
CA LEU B 86 8.69 -0.81 9.16
C LEU B 86 8.40 0.17 10.30
N PRO B 87 8.39 -0.29 11.56
CA PRO B 87 8.04 0.70 12.60
C PRO B 87 9.06 1.87 12.64
N GLU B 88 10.35 1.52 12.54
CA GLU B 88 11.38 2.54 12.44
C GLU B 88 11.37 3.32 11.14
N MET B 89 11.25 2.63 10.01
CA MET B 89 11.30 3.31 8.73
C MET B 89 10.14 4.30 8.59
N LEU B 90 8.97 3.91 9.07
CA LEU B 90 7.75 4.75 8.94
C LEU B 90 7.90 6.00 9.84
N ARG B 91 8.23 5.79 11.10
CA ARG B 91 8.44 6.96 11.99
C ARG B 91 9.51 7.92 11.47
N ALA B 92 10.70 7.39 11.15
CA ALA B 92 11.79 8.23 10.64
C ALA B 92 11.39 8.88 9.30
N GLY B 93 10.70 8.12 8.45
CA GLY B 93 10.31 8.61 7.14
C GLY B 93 9.31 9.74 7.19
N ILE B 94 8.33 9.58 8.07
CA ILE B 94 7.30 10.60 8.15
C ILE B 94 7.87 11.86 8.84
N GLN B 95 8.78 11.70 9.79
CA GLN B 95 9.47 12.87 10.34
C GLN B 95 10.27 13.67 9.28
N GLN B 96 11.08 12.96 8.47
CA GLN B 96 11.82 13.66 7.42
C GLN B 96 10.94 14.26 6.35
N ALA B 97 9.87 13.56 5.97
CA ALA B 97 8.94 14.07 4.96
C ALA B 97 8.22 15.33 5.45
N ASN B 98 7.78 15.33 6.71
CA ASN B 98 7.18 16.52 7.28
C ASN B 98 8.19 17.68 7.39
N LEU B 99 9.43 17.39 7.77
CA LEU B 99 10.46 18.43 7.84
C LEU B 99 10.63 19.09 6.48
N GLN B 100 10.73 18.25 5.45
CA GLN B 100 10.86 18.74 4.09
C GLN B 100 9.69 19.59 3.64
N GLN B 101 8.47 19.12 3.90
CA GLN B 101 7.27 19.90 3.60
C GLN B 101 7.25 21.28 4.29
N ARG B 102 7.52 21.30 5.58
CA ARG B 102 7.56 22.55 6.33
C ARG B 102 8.67 23.49 5.88
N ALA B 103 9.84 22.93 5.54
CA ALA B 103 10.96 23.77 5.10
C ALA B 103 10.59 24.37 3.75
N GLN B 104 9.98 23.56 2.90
CA GLN B 104 9.50 24.04 1.61
C GLN B 104 8.47 25.15 1.72
N GLN B 105 7.53 25.02 2.67
CA GLN B 105 6.41 25.94 2.73
CA GLN B 105 6.37 25.94 2.78
C GLN B 105 6.71 27.20 3.58
N LEU B 106 7.85 27.18 4.27
CA LEU B 106 8.40 28.38 4.84
C LEU B 106 8.78 29.38 3.68
N GLU B 107 8.85 28.91 2.43
CA GLU B 107 9.12 29.80 1.32
C GLU B 107 7.98 30.66 0.93
#